data_3CUJ
#
_entry.id   3CUJ
#
_cell.length_a   85.368
_cell.length_b   85.368
_cell.length_c   78.940
_cell.angle_alpha   90.00
_cell.angle_beta   90.00
_cell.angle_gamma   90.00
#
_symmetry.space_group_name_H-M   'P 41 21 2'
#
loop_
_entity.id
_entity.type
_entity.pdbx_description
1 polymer Exo-beta-1,4-glucanase
2 branched beta-D-xylopyranose-(1-4)-4-thio-beta-D-xylopyranose-(1-4)-4-thio-beta-D-xylopyranose-(1-4)-4-thio-beta-D-xylopyranose-(1-4)-4-thio-beta-D-xylopyranose
3 water water
#
_entity_poly.entity_id   1
_entity_poly.type   'polypeptide(L)'
_entity_poly.pdbx_seq_one_letter_code
;ATTLKEAADGAGRDFGFALDPNRLSEAQYKAIADSEFNLVVAENAMKWDATEPSQNSFSFGAGDRVASYAADTGKELYGH
TLVWHSQLPDWAKNLNGSAFESAMVNHVTKVADHFEGKVASWDVVNEAFADGGGRRQDSAFQQKLGNGYIETAFRAARAA
DPTAKLCINDYNVEGINAKSNSLYDLVKDFKARGVPLDCVGFQSHLIVGQVPGDFRQNLQRFADLGVDVRITELDIRMRT
PSDATKLATQAADYKKVVQACMQVTRCQGVTVWGITDKYSWVPDVFPGEGAALVWDASYAKKPAYAAVMEAFGAS
;
_entity_poly.pdbx_strand_id   A
#
# COMPACT_ATOMS: atom_id res chain seq x y z
N ALA A 1 -13.55 -20.91 8.17
CA ALA A 1 -13.59 -19.85 7.12
C ALA A 1 -13.83 -20.43 5.73
N THR A 2 -14.77 -19.83 5.00
CA THR A 2 -15.01 -20.22 3.62
C THR A 2 -14.45 -19.16 2.64
N THR A 3 -14.02 -18.02 3.21
CA THR A 3 -13.39 -16.97 2.41
C THR A 3 -12.15 -16.41 3.13
N LEU A 4 -11.30 -15.74 2.36
CA LEU A 4 -10.13 -15.08 2.93
C LEU A 4 -10.60 -13.98 3.88
N LYS A 5 -11.70 -13.34 3.53
CA LYS A 5 -12.33 -12.34 4.38
C LYS A 5 -12.61 -12.95 5.77
N GLU A 6 -13.27 -14.09 5.79
CA GLU A 6 -13.57 -14.76 7.05
C GLU A 6 -12.32 -15.13 7.82
N ALA A 7 -11.29 -15.58 7.11
CA ALA A 7 -10.04 -16.00 7.75
C ALA A 7 -9.40 -14.80 8.45
N ALA A 8 -9.30 -13.68 7.74
CA ALA A 8 -8.69 -12.46 8.30
C ALA A 8 -9.55 -11.88 9.44
N ASP A 9 -10.87 -11.83 9.21
CA ASP A 9 -11.83 -11.40 10.22
C ASP A 9 -11.56 -12.18 11.51
N GLY A 10 -11.51 -13.50 11.40
CA GLY A 10 -11.27 -14.38 12.58
C GLY A 10 -9.93 -14.14 13.25
N ALA A 11 -8.93 -13.75 12.47
CA ALA A 11 -7.61 -13.45 12.98
C ALA A 11 -7.50 -12.04 13.60
N GLY A 12 -8.60 -11.30 13.54
CA GLY A 12 -8.57 -9.92 14.02
C GLY A 12 -7.69 -9.01 13.18
N ARG A 13 -7.59 -9.30 11.89
CA ARG A 13 -6.72 -8.53 10.99
C ARG A 13 -7.46 -8.13 9.72
N ASP A 14 -6.79 -7.28 8.94
CA ASP A 14 -7.28 -6.80 7.65
C ASP A 14 -6.72 -7.66 6.53
N PHE A 15 -7.57 -8.00 5.55
CA PHE A 15 -7.11 -8.54 4.28
C PHE A 15 -7.73 -7.70 3.19
N GLY A 16 -6.87 -6.97 2.49
CA GLY A 16 -7.33 -5.94 1.56
C GLY A 16 -6.93 -6.19 0.13
N PHE A 17 -7.52 -5.42 -0.78
CA PHE A 17 -7.08 -5.42 -2.18
C PHE A 17 -7.03 -4.02 -2.80
N ALA A 18 -6.23 -3.88 -3.86
CA ALA A 18 -6.17 -2.65 -4.66
C ALA A 18 -7.26 -2.67 -5.72
N LEU A 19 -8.19 -1.72 -5.58
CA LEU A 19 -9.35 -1.62 -6.45
C LEU A 19 -9.15 -0.64 -7.60
N ASP A 20 -9.59 -1.07 -8.79
CA ASP A 20 -9.81 -0.18 -9.94
C ASP A 20 -11.33 -0.01 -10.06
N PRO A 21 -11.84 1.20 -9.76
CA PRO A 21 -13.30 1.33 -9.70
C PRO A 21 -13.99 1.03 -11.02
N ASN A 22 -13.27 1.17 -12.13
CA ASN A 22 -13.87 0.85 -13.44
C ASN A 22 -14.20 -0.63 -13.59
N ARG A 23 -13.43 -1.48 -12.90
CA ARG A 23 -13.65 -2.94 -12.95
C ARG A 23 -14.88 -3.41 -12.14
N LEU A 24 -15.47 -2.51 -11.34
CA LEU A 24 -16.68 -2.86 -10.58
C LEU A 24 -17.85 -3.22 -11.51
N SER A 25 -17.79 -2.77 -12.76
CA SER A 25 -18.84 -3.08 -13.72
C SER A 25 -18.66 -4.51 -14.28
N GLU A 26 -17.51 -5.13 -13.99
CA GLU A 26 -17.26 -6.55 -14.32
C GLU A 26 -17.69 -7.37 -13.11
N ALA A 27 -18.84 -8.02 -13.25
CA ALA A 27 -19.52 -8.66 -12.11
C ALA A 27 -18.65 -9.69 -11.38
N GLN A 28 -17.83 -10.45 -12.11
CA GLN A 28 -16.96 -11.46 -11.47
C GLN A 28 -15.94 -10.79 -10.55
N TYR A 29 -15.36 -9.70 -11.04
CA TYR A 29 -14.42 -8.89 -10.26
C TYR A 29 -15.11 -8.38 -9.00
N LYS A 30 -16.29 -7.79 -9.17
CA LYS A 30 -17.05 -7.30 -8.04
C LYS A 30 -17.42 -8.40 -7.06
N ALA A 31 -17.78 -9.60 -7.57
CA ALA A 31 -18.16 -10.71 -6.68
C ALA A 31 -17.03 -11.06 -5.71
N ILE A 32 -15.81 -11.13 -6.26
CA ILE A 32 -14.64 -11.52 -5.48
C ILE A 32 -14.28 -10.37 -4.53
N ALA A 33 -14.30 -9.16 -5.05
CA ALA A 33 -14.08 -7.93 -4.23
C ALA A 33 -15.03 -7.94 -3.00
N ASP A 34 -16.33 -8.17 -3.27
CA ASP A 34 -17.36 -8.14 -2.24
C ASP A 34 -17.15 -9.19 -1.15
N SER A 35 -16.71 -10.40 -1.54
CA SER A 35 -16.72 -11.56 -0.66
C SER A 35 -15.39 -11.94 -0.01
N GLU A 36 -14.27 -11.49 -0.57
CA GLU A 36 -12.97 -12.03 -0.17
C GLU A 36 -12.06 -11.08 0.63
N PHE A 37 -12.51 -9.84 0.83
CA PHE A 37 -11.66 -8.81 1.44
C PHE A 37 -12.45 -8.00 2.44
N ASN A 38 -11.77 -7.48 3.47
CA ASN A 38 -12.44 -6.60 4.44
C ASN A 38 -11.82 -5.20 4.44
N LEU A 39 -10.97 -4.94 3.44
CA LEU A 39 -10.31 -3.63 3.32
C LEU A 39 -10.11 -3.34 1.84
N VAL A 40 -10.19 -2.06 1.49
CA VAL A 40 -9.93 -1.65 0.10
C VAL A 40 -9.02 -0.42 0.04
N VAL A 41 -8.16 -0.40 -0.99
CA VAL A 41 -7.30 0.74 -1.28
C VAL A 41 -7.47 1.02 -2.76
N ALA A 42 -7.38 2.29 -3.14
CA ALA A 42 -7.44 2.68 -4.55
C ALA A 42 -6.10 2.36 -5.22
N GLU A 43 -6.16 1.53 -6.26
CA GLU A 43 -4.93 1.22 -7.00
C GLU A 43 -4.31 2.50 -7.62
N ASN A 44 -5.18 3.39 -8.14
CA ASN A 44 -4.76 4.62 -8.81
C ASN A 44 -5.61 5.84 -8.51
N ALA A 45 -6.88 5.63 -8.16
CA ALA A 45 -7.88 6.70 -8.08
C ALA A 45 -7.64 7.82 -7.06
N MET A 46 -6.77 7.60 -6.09
N MET A 46 -6.79 7.59 -6.07
CA MET A 46 -6.47 8.63 -5.09
CA MET A 46 -6.49 8.65 -5.09
C MET A 46 -5.03 9.13 -5.14
C MET A 46 -5.08 9.23 -5.20
N LYS A 47 -4.36 8.86 -6.27
CA LYS A 47 -3.03 9.41 -6.52
C LYS A 47 -3.16 10.85 -7.03
N TRP A 48 -2.04 11.57 -7.03
CA TRP A 48 -2.08 12.98 -7.38
C TRP A 48 -2.60 13.19 -8.83
N ASP A 49 -2.08 12.42 -9.78
CA ASP A 49 -2.56 12.55 -11.18
C ASP A 49 -4.09 12.37 -11.31
N ALA A 50 -4.64 11.49 -10.47
CA ALA A 50 -6.06 11.12 -10.51
C ALA A 50 -6.91 12.13 -9.76
N THR A 51 -6.30 12.94 -8.90
CA THR A 51 -7.08 13.83 -8.05
C THR A 51 -6.89 15.34 -8.27
N GLU A 52 -5.72 15.75 -8.77
CA GLU A 52 -5.46 17.17 -8.97
C GLU A 52 -4.75 17.35 -10.33
N PRO A 53 -5.51 17.18 -11.43
CA PRO A 53 -4.93 17.19 -12.78
C PRO A 53 -4.42 18.57 -13.23
N SER A 54 -4.98 19.63 -12.66
CA SER A 54 -4.38 20.97 -12.83
C SER A 54 -4.36 21.68 -11.48
N GLN A 55 -3.57 22.74 -11.38
CA GLN A 55 -3.34 23.33 -10.05
C GLN A 55 -4.61 23.76 -9.32
N ASN A 56 -4.78 23.21 -8.13
CA ASN A 56 -5.95 23.49 -7.31
C ASN A 56 -7.32 23.24 -7.98
N SER A 57 -7.33 22.29 -8.92
CA SER A 57 -8.55 21.86 -9.54
C SER A 57 -8.63 20.34 -9.37
N PHE A 58 -9.63 19.89 -8.63
CA PHE A 58 -9.66 18.50 -8.17
C PHE A 58 -10.69 17.67 -8.89
N SER A 59 -10.36 16.40 -9.08
CA SER A 59 -11.22 15.45 -9.77
C SER A 59 -11.44 14.23 -8.86
N PHE A 60 -12.42 14.33 -7.96
CA PHE A 60 -12.64 13.27 -6.97
C PHE A 60 -13.60 12.16 -7.37
N GLY A 61 -14.12 12.18 -8.60
CA GLY A 61 -15.13 11.18 -9.01
C GLY A 61 -14.67 9.74 -8.77
N ALA A 62 -13.47 9.43 -9.27
CA ALA A 62 -12.94 8.06 -9.19
C ALA A 62 -12.65 7.67 -7.74
N GLY A 63 -12.02 8.58 -7.00
CA GLY A 63 -11.73 8.32 -5.58
C GLY A 63 -13.00 8.18 -4.75
N ASP A 64 -14.00 8.99 -5.06
CA ASP A 64 -15.30 8.92 -4.40
C ASP A 64 -15.93 7.56 -4.67
N ARG A 65 -15.78 7.08 -5.90
CA ARG A 65 -16.32 5.75 -6.26
C ARG A 65 -15.71 4.63 -5.39
N VAL A 66 -14.40 4.69 -5.19
CA VAL A 66 -13.71 3.76 -4.27
C VAL A 66 -14.23 3.91 -2.83
N ALA A 67 -14.30 5.15 -2.34
CA ALA A 67 -14.79 5.38 -0.96
C ALA A 67 -16.22 4.86 -0.77
N SER A 68 -17.07 5.11 -1.77
CA SER A 68 -18.46 4.67 -1.73
C SER A 68 -18.54 3.13 -1.74
N TYR A 69 -17.69 2.51 -2.52
CA TYR A 69 -17.61 1.04 -2.56
C TYR A 69 -17.29 0.49 -1.17
N ALA A 70 -16.26 1.05 -0.53
CA ALA A 70 -15.91 0.64 0.83
C ALA A 70 -17.09 0.81 1.80
N ALA A 71 -17.73 1.99 1.75
CA ALA A 71 -18.86 2.24 2.67
C ALA A 71 -20.03 1.29 2.41
N ASP A 72 -20.31 1.05 1.12
CA ASP A 72 -21.46 0.23 0.73
C ASP A 72 -21.27 -1.25 1.10
N THR A 73 -20.03 -1.71 1.18
CA THR A 73 -19.76 -3.13 1.43
C THR A 73 -19.17 -3.34 2.83
N GLY A 74 -19.08 -2.27 3.61
CA GLY A 74 -18.57 -2.33 5.00
C GLY A 74 -17.12 -2.73 5.11
N LYS A 75 -16.27 -2.20 4.25
CA LYS A 75 -14.82 -2.50 4.28
C LYS A 75 -14.08 -1.30 4.84
N GLU A 76 -12.97 -1.53 5.51
CA GLU A 76 -12.06 -0.44 5.89
C GLU A 76 -11.55 0.21 4.59
N LEU A 77 -11.35 1.52 4.64
CA LEU A 77 -10.82 2.25 3.48
C LEU A 77 -9.41 2.76 3.79
N TYR A 78 -8.47 2.39 2.93
CA TYR A 78 -7.08 2.79 3.12
C TYR A 78 -6.73 3.77 1.99
N GLY A 79 -6.05 4.87 2.34
CA GLY A 79 -5.78 5.92 1.36
C GLY A 79 -4.38 5.87 0.76
N HIS A 80 -4.31 5.91 -0.58
CA HIS A 80 -3.02 5.81 -1.27
C HIS A 80 -3.10 6.77 -2.46
N THR A 81 -2.26 7.80 -2.54
CA THR A 81 -1.20 8.20 -1.60
C THR A 81 -1.01 9.72 -1.81
N LEU A 82 -0.76 10.45 -0.72
CA LEU A 82 -0.78 11.92 -0.81
C LEU A 82 0.44 12.53 -1.50
N VAL A 83 1.62 12.04 -1.15
CA VAL A 83 2.87 12.54 -1.70
C VAL A 83 3.72 11.37 -2.22
N TRP A 84 4.00 11.44 -3.52
CA TRP A 84 4.72 10.40 -4.24
C TRP A 84 5.35 11.00 -5.50
N HIS A 85 6.59 10.59 -5.79
CA HIS A 85 7.33 11.15 -6.94
C HIS A 85 6.80 10.68 -8.29
N SER A 86 6.11 9.54 -8.30
N SER A 86 6.13 9.54 -8.31
CA SER A 86 5.55 8.97 -9.53
CA SER A 86 5.57 8.98 -9.54
C SER A 86 4.11 9.41 -9.70
C SER A 86 4.12 9.41 -9.71
N GLN A 87 3.62 9.35 -10.94
CA GLN A 87 2.23 9.77 -11.27
C GLN A 87 1.92 11.17 -10.73
N LEU A 88 2.92 12.04 -10.89
CA LEU A 88 2.85 13.43 -10.48
C LEU A 88 2.71 14.27 -11.76
N PRO A 89 1.62 15.06 -11.88
CA PRO A 89 1.40 15.85 -13.10
C PRO A 89 2.50 16.83 -13.43
N ASP A 90 2.71 17.07 -14.72
CA ASP A 90 3.68 18.06 -15.19
C ASP A 90 3.55 19.46 -14.57
N TRP A 91 2.32 19.93 -14.33
CA TRP A 91 2.17 21.25 -13.70
C TRP A 91 2.91 21.36 -12.37
N ALA A 92 2.89 20.28 -11.59
CA ALA A 92 3.55 20.28 -10.28
C ALA A 92 5.06 20.21 -10.46
N LYS A 93 5.52 19.33 -11.35
CA LYS A 93 6.94 19.23 -11.69
C LYS A 93 7.53 20.57 -12.18
N ASN A 94 6.68 21.42 -12.78
CA ASN A 94 7.13 22.73 -13.30
C ASN A 94 7.29 23.81 -12.24
N LEU A 95 6.78 23.55 -11.04
CA LEU A 95 6.87 24.52 -9.96
C LEU A 95 8.19 24.32 -9.21
N ASN A 96 8.63 25.35 -8.51
CA ASN A 96 9.85 25.23 -7.72
C ASN A 96 9.74 25.97 -6.42
N GLY A 97 10.67 25.70 -5.51
CA GLY A 97 10.78 26.40 -4.24
C GLY A 97 9.46 26.47 -3.49
N SER A 98 9.14 27.65 -2.96
CA SER A 98 7.96 27.75 -2.11
C SER A 98 6.66 27.54 -2.89
N ALA A 99 6.67 27.79 -4.20
CA ALA A 99 5.48 27.55 -5.01
C ALA A 99 5.20 26.03 -5.04
N PHE A 100 6.27 25.25 -5.15
CA PHE A 100 6.14 23.80 -5.17
C PHE A 100 5.74 23.28 -3.79
N GLU A 101 6.39 23.78 -2.74
CA GLU A 101 5.98 23.42 -1.39
C GLU A 101 4.51 23.72 -1.15
N SER A 102 4.04 24.89 -1.60
N SER A 102 4.08 24.89 -1.61
CA SER A 102 2.63 25.24 -1.41
CA SER A 102 2.68 25.32 -1.49
C SER A 102 1.68 24.31 -2.15
C SER A 102 1.73 24.32 -2.15
N ALA A 103 2.06 23.92 -3.37
CA ALA A 103 1.24 22.96 -4.16
C ALA A 103 1.18 21.57 -3.42
N MET A 104 2.30 21.14 -2.86
CA MET A 104 2.31 19.92 -2.06
C MET A 104 1.39 20.01 -0.84
N VAL A 105 1.51 21.11 -0.09
CA VAL A 105 0.74 21.28 1.13
C VAL A 105 -0.75 21.34 0.79
N ASN A 106 -1.07 22.07 -0.28
CA ASN A 106 -2.44 22.23 -0.72
C ASN A 106 -3.00 20.89 -1.15
N HIS A 107 -2.16 20.11 -1.83
CA HIS A 107 -2.60 18.79 -2.32
C HIS A 107 -2.94 17.89 -1.12
N VAL A 108 -2.02 17.83 -0.17
CA VAL A 108 -2.21 17.04 1.04
C VAL A 108 -3.49 17.49 1.74
N THR A 109 -3.62 18.81 1.96
CA THR A 109 -4.78 19.34 2.70
C THR A 109 -6.12 19.04 2.03
N LYS A 110 -6.22 19.34 0.73
CA LYS A 110 -7.48 19.16 0.03
C LYS A 110 -7.91 17.70 -0.06
N VAL A 111 -6.96 16.83 -0.34
CA VAL A 111 -7.31 15.41 -0.53
C VAL A 111 -7.66 14.82 0.84
N ALA A 112 -6.86 15.10 1.87
CA ALA A 112 -7.16 14.58 3.20
C ALA A 112 -8.52 15.13 3.70
N ASP A 113 -8.77 16.43 3.52
CA ASP A 113 -10.06 17.01 3.94
C ASP A 113 -11.22 16.34 3.20
N HIS A 114 -11.04 16.15 1.90
CA HIS A 114 -12.11 15.58 1.09
C HIS A 114 -12.55 14.20 1.60
N PHE A 115 -11.57 13.37 2.02
CA PHE A 115 -11.89 12.00 2.44
C PHE A 115 -11.97 11.82 3.95
N GLU A 116 -11.92 12.93 4.70
CA GLU A 116 -11.92 12.86 6.15
C GLU A 116 -13.17 12.13 6.64
N GLY A 117 -13.00 11.24 7.61
CA GLY A 117 -14.09 10.42 8.13
C GLY A 117 -14.45 9.21 7.28
N LYS A 118 -13.84 9.10 6.11
CA LYS A 118 -14.01 7.95 5.20
C LYS A 118 -12.74 7.12 5.12
N VAL A 119 -11.63 7.77 4.73
CA VAL A 119 -10.32 7.11 4.77
C VAL A 119 -9.84 6.96 6.22
N ALA A 120 -9.52 5.74 6.62
CA ALA A 120 -9.09 5.43 7.98
C ALA A 120 -7.58 5.63 8.21
N SER A 121 -6.81 5.42 7.14
CA SER A 121 -5.35 5.50 7.16
C SER A 121 -4.88 6.02 5.82
N TRP A 122 -3.82 6.82 5.84
CA TRP A 122 -3.21 7.34 4.60
C TRP A 122 -1.76 6.91 4.45
N ASP A 123 -1.38 6.52 3.22
CA ASP A 123 0.03 6.63 2.81
C ASP A 123 0.29 8.10 2.55
N VAL A 124 0.75 8.83 3.57
CA VAL A 124 1.04 10.25 3.44
C VAL A 124 2.23 10.47 2.50
N VAL A 125 3.29 9.71 2.74
CA VAL A 125 4.47 9.74 1.89
C VAL A 125 4.80 8.32 1.42
N ASN A 126 5.08 8.21 0.13
CA ASN A 126 5.31 6.92 -0.52
C ASN A 126 6.68 6.91 -1.19
N GLU A 127 7.46 5.86 -0.92
CA GLU A 127 8.72 5.59 -1.65
C GLU A 127 9.73 6.75 -1.56
N ALA A 128 9.96 7.22 -0.33
CA ALA A 128 10.91 8.31 -0.06
C ALA A 128 12.37 7.85 -0.06
N PHE A 129 12.61 6.54 0.08
CA PHE A 129 13.99 6.06 0.28
C PHE A 129 14.59 5.38 -0.95
N ALA A 130 15.90 5.14 -0.90
CA ALA A 130 16.63 4.57 -2.01
C ALA A 130 17.10 3.16 -1.67
N ASP A 131 17.01 2.26 -2.65
CA ASP A 131 17.66 0.97 -2.50
C ASP A 131 19.13 1.29 -2.21
N GLY A 132 19.67 0.64 -1.19
CA GLY A 132 21.07 0.86 -0.83
C GLY A 132 21.25 1.94 0.23
N GLY A 133 20.14 2.58 0.63
CA GLY A 133 20.14 3.51 1.75
C GLY A 133 20.02 4.96 1.34
N GLY A 134 19.63 5.81 2.30
CA GLY A 134 19.47 7.25 2.04
C GLY A 134 18.19 7.58 1.28
N ARG A 135 18.10 8.83 0.82
CA ARG A 135 16.88 9.32 0.18
C ARG A 135 16.83 8.97 -1.31
N ARG A 136 15.61 8.78 -1.80
CA ARG A 136 15.36 8.61 -3.22
C ARG A 136 16.00 9.73 -4.05
N GLN A 137 16.62 9.31 -5.16
CA GLN A 137 17.44 10.17 -6.02
C GLN A 137 16.77 10.69 -7.31
N ASP A 138 15.52 10.28 -7.55
CA ASP A 138 14.77 10.75 -8.72
C ASP A 138 13.39 11.29 -8.33
N SER A 139 13.35 12.00 -7.20
CA SER A 139 12.09 12.54 -6.68
C SER A 139 12.04 14.05 -6.74
N ALA A 140 10.97 14.57 -7.38
CA ALA A 140 10.68 16.00 -7.37
C ALA A 140 10.64 16.59 -5.96
N PHE A 141 10.10 15.83 -5.00
CA PHE A 141 9.98 16.35 -3.64
C PHE A 141 11.34 16.45 -2.96
N GLN A 142 12.13 15.38 -3.06
CA GLN A 142 13.47 15.36 -2.49
C GLN A 142 14.32 16.48 -3.12
N GLN A 143 14.25 16.60 -4.44
CA GLN A 143 15.08 17.57 -5.18
C GLN A 143 14.70 19.01 -4.91
N LYS A 144 13.40 19.30 -4.93
CA LYS A 144 12.94 20.69 -4.79
C LYS A 144 12.85 21.17 -3.35
N LEU A 145 12.58 20.24 -2.42
CA LEU A 145 12.31 20.56 -1.03
C LEU A 145 13.33 20.04 -0.03
N GLY A 146 14.06 18.98 -0.39
CA GLY A 146 15.06 18.41 0.52
C GLY A 146 14.45 17.60 1.64
N ASN A 147 15.28 17.25 2.63
CA ASN A 147 14.88 16.29 3.67
C ASN A 147 13.58 16.59 4.40
N GLY A 148 13.32 17.87 4.67
CA GLY A 148 12.18 18.23 5.50
C GLY A 148 10.80 18.01 4.90
N TYR A 149 10.68 17.68 3.60
CA TYR A 149 9.33 17.56 3.00
C TYR A 149 8.47 16.47 3.67
N ILE A 150 9.12 15.42 4.17
CA ILE A 150 8.39 14.30 4.77
C ILE A 150 7.64 14.81 6.02
N GLU A 151 8.39 15.43 6.94
CA GLU A 151 7.79 16.02 8.12
C GLU A 151 6.69 17.03 7.74
N THR A 152 6.96 17.88 6.74
CA THR A 152 5.95 18.84 6.30
C THR A 152 4.64 18.17 5.89
N ALA A 153 4.76 17.11 5.09
CA ALA A 153 3.58 16.35 4.61
C ALA A 153 2.79 15.73 5.76
N PHE A 154 3.48 15.06 6.68
CA PHE A 154 2.80 14.48 7.84
C PHE A 154 2.09 15.52 8.71
N ARG A 155 2.79 16.61 9.02
CA ARG A 155 2.14 17.62 9.84
C ARG A 155 0.92 18.21 9.12
N ALA A 156 1.03 18.46 7.81
CA ALA A 156 -0.10 18.96 7.05
C ALA A 156 -1.27 17.98 7.01
N ALA A 157 -0.95 16.69 6.87
CA ALA A 157 -1.98 15.66 6.87
C ALA A 157 -2.73 15.63 8.21
N ARG A 158 -2.00 15.70 9.33
CA ARG A 158 -2.61 15.74 10.67
C ARG A 158 -3.45 17.02 10.89
N ALA A 159 -2.96 18.15 10.35
CA ALA A 159 -3.70 19.42 10.46
C ALA A 159 -5.06 19.32 9.78
N ALA A 160 -5.10 18.62 8.63
CA ALA A 160 -6.32 18.43 7.85
C ALA A 160 -7.23 17.35 8.50
N ASP A 161 -6.63 16.25 8.93
CA ASP A 161 -7.38 15.12 9.45
C ASP A 161 -6.82 14.71 10.81
N PRO A 162 -7.44 15.20 11.92
CA PRO A 162 -6.87 14.96 13.24
C PRO A 162 -6.83 13.50 13.70
N THR A 163 -7.59 12.62 13.04
CA THR A 163 -7.66 11.27 13.58
C THR A 163 -7.18 10.15 12.64
N ALA A 164 -7.01 10.42 11.35
CA ALA A 164 -6.61 9.33 10.43
C ALA A 164 -5.23 8.80 10.86
N LYS A 165 -5.01 7.50 10.68
CA LYS A 165 -3.70 6.91 10.92
C LYS A 165 -2.79 7.36 9.75
N LEU A 166 -1.65 7.95 10.07
CA LEU A 166 -0.77 8.50 9.03
C LEU A 166 0.44 7.63 8.85
N CYS A 167 0.53 7.00 7.67
CA CYS A 167 1.61 6.04 7.38
C CYS A 167 2.63 6.56 6.38
N ILE A 168 3.85 6.03 6.48
CA ILE A 168 4.86 6.13 5.44
C ILE A 168 4.99 4.71 4.82
N ASN A 169 5.11 4.66 3.51
CA ASN A 169 5.02 3.38 2.78
C ASN A 169 6.26 3.23 1.89
N ASP A 170 6.80 2.01 1.77
CA ASP A 170 7.94 1.82 0.86
C ASP A 170 8.07 0.36 0.43
N TYR A 171 8.92 0.13 -0.57
CA TYR A 171 9.17 -1.23 -1.08
C TYR A 171 10.64 -1.54 -0.90
N ASN A 172 11.02 -2.83 -1.01
CA ASN A 172 12.39 -3.26 -0.74
C ASN A 172 12.87 -2.92 0.67
N VAL A 173 11.90 -2.80 1.58
CA VAL A 173 12.15 -2.52 2.97
C VAL A 173 11.62 -3.66 3.86
N GLU A 174 11.38 -4.81 3.28
CA GLU A 174 10.79 -5.91 4.02
C GLU A 174 11.82 -6.64 4.89
N GLY A 175 13.02 -6.77 4.34
CA GLY A 175 14.17 -7.29 5.08
C GLY A 175 14.85 -6.15 5.81
N ILE A 176 15.82 -6.50 6.67
CA ILE A 176 16.66 -5.51 7.34
C ILE A 176 17.84 -5.24 6.41
N ASN A 177 17.88 -4.03 5.87
CA ASN A 177 18.90 -3.63 4.89
C ASN A 177 19.11 -2.11 4.97
N ALA A 178 19.93 -1.55 4.08
CA ALA A 178 20.27 -0.13 4.22
C ALA A 178 19.03 0.75 4.03
N LYS A 179 18.15 0.34 3.12
CA LYS A 179 16.88 1.07 2.86
C LYS A 179 15.95 1.05 4.07
N SER A 180 15.65 -0.13 4.59
CA SER A 180 14.78 -0.23 5.78
C SER A 180 15.43 0.40 7.03
N ASN A 181 16.77 0.37 7.09
CA ASN A 181 17.50 1.08 8.16
C ASN A 181 17.30 2.59 8.09
N SER A 182 17.39 3.18 6.90
CA SER A 182 17.12 4.61 6.73
C SER A 182 15.67 4.94 7.14
N LEU A 183 14.74 4.09 6.70
CA LEU A 183 13.32 4.25 7.05
C LEU A 183 13.13 4.19 8.57
N TYR A 184 13.76 3.19 9.18
CA TYR A 184 13.76 3.00 10.63
C TYR A 184 14.27 4.26 11.36
N ASP A 185 15.42 4.78 10.93
CA ASP A 185 15.95 6.02 11.54
C ASP A 185 14.95 7.17 11.52
N LEU A 186 14.27 7.36 10.39
CA LEU A 186 13.26 8.41 10.29
C LEU A 186 12.08 8.16 11.22
N VAL A 187 11.56 6.94 11.22
CA VAL A 187 10.42 6.63 12.07
C VAL A 187 10.76 6.90 13.55
N LYS A 188 11.90 6.39 14.00
CA LYS A 188 12.37 6.63 15.36
C LYS A 188 12.49 8.13 15.66
N ASP A 189 13.07 8.90 14.73
CA ASP A 189 13.22 10.37 14.88
C ASP A 189 11.85 11.08 15.03
N PHE A 190 10.91 10.71 14.16
CA PHE A 190 9.57 11.33 14.15
C PHE A 190 8.85 11.05 15.46
N LYS A 191 8.91 9.79 15.92
CA LYS A 191 8.26 9.40 17.17
C LYS A 191 8.94 10.13 18.34
N ALA A 192 10.26 10.19 18.33
CA ALA A 192 11.02 10.92 19.36
C ALA A 192 10.60 12.40 19.46
N ARG A 193 10.38 13.04 18.32
CA ARG A 193 10.05 14.48 18.28
C ARG A 193 8.54 14.82 18.26
N GLY A 194 7.71 13.79 18.32
CA GLY A 194 6.26 13.98 18.26
C GLY A 194 5.71 14.43 16.92
N VAL A 195 6.44 14.14 15.85
CA VAL A 195 5.91 14.36 14.50
C VAL A 195 4.78 13.33 14.28
N PRO A 196 3.59 13.78 13.80
CA PRO A 196 2.46 12.87 13.58
C PRO A 196 2.87 11.74 12.63
N LEU A 197 2.81 10.52 13.11
CA LEU A 197 3.16 9.31 12.32
C LEU A 197 2.64 8.11 13.11
N ASP A 198 1.79 7.28 12.49
CA ASP A 198 1.13 6.19 13.22
C ASP A 198 1.45 4.78 12.73
N CYS A 199 1.98 4.69 11.51
CA CYS A 199 2.08 3.40 10.84
C CYS A 199 3.16 3.38 9.76
N VAL A 200 3.62 2.17 9.44
CA VAL A 200 4.58 1.99 8.39
C VAL A 200 4.07 0.88 7.46
N GLY A 201 4.07 1.14 6.17
CA GLY A 201 3.65 0.16 5.18
C GLY A 201 4.86 -0.44 4.47
N PHE A 202 4.77 -1.75 4.27
CA PHE A 202 5.79 -2.56 3.61
C PHE A 202 5.12 -3.13 2.35
N GLN A 203 5.47 -2.56 1.20
CA GLN A 203 4.76 -2.87 -0.04
C GLN A 203 4.81 -4.36 -0.36
N SER A 204 5.98 -4.99 -0.22
CA SER A 204 6.08 -6.45 -0.45
C SER A 204 5.75 -6.83 -1.90
N HIS A 205 6.35 -6.09 -2.83
CA HIS A 205 6.41 -6.54 -4.23
C HIS A 205 7.59 -7.52 -4.30
N LEU A 206 7.27 -8.79 -4.20
CA LEU A 206 8.29 -9.82 -4.04
C LEU A 206 8.39 -10.66 -5.31
N ILE A 207 9.49 -11.40 -5.40
CA ILE A 207 9.68 -12.36 -6.48
C ILE A 207 9.55 -13.79 -5.94
N VAL A 208 8.86 -14.68 -6.68
CA VAL A 208 8.67 -16.06 -6.20
C VAL A 208 10.00 -16.67 -5.79
N GLY A 209 10.04 -17.28 -4.61
CA GLY A 209 11.30 -17.88 -4.12
C GLY A 209 12.23 -16.92 -3.37
N GLN A 210 11.80 -15.68 -3.17
CA GLN A 210 12.69 -14.68 -2.57
C GLN A 210 12.01 -13.84 -1.47
N VAL A 211 11.43 -14.49 -0.47
CA VAL A 211 10.81 -13.78 0.66
C VAL A 211 11.88 -13.57 1.73
N PRO A 212 12.10 -12.31 2.15
CA PRO A 212 13.12 -12.07 3.18
C PRO A 212 12.84 -12.90 4.43
N GLY A 213 13.82 -13.66 4.89
CA GLY A 213 13.66 -14.49 6.08
C GLY A 213 13.55 -13.69 7.38
N ASP A 214 14.02 -12.44 7.34
CA ASP A 214 14.02 -11.55 8.52
C ASP A 214 12.82 -10.59 8.52
N PHE A 215 11.84 -10.90 7.68
CA PHE A 215 10.65 -10.05 7.55
C PHE A 215 9.97 -9.82 8.93
N ARG A 216 9.71 -10.91 9.67
CA ARG A 216 9.05 -10.80 10.99
C ARG A 216 9.90 -9.91 11.93
N GLN A 217 11.19 -10.21 12.02
CA GLN A 217 12.08 -9.42 12.88
C GLN A 217 12.05 -7.94 12.53
N ASN A 218 12.03 -7.65 11.24
CA ASN A 218 11.96 -6.27 10.74
C ASN A 218 10.66 -5.58 11.11
N LEU A 219 9.53 -6.23 10.82
CA LEU A 219 8.21 -5.73 11.27
C LEU A 219 8.19 -5.47 12.78
N GLN A 220 8.73 -6.41 13.55
CA GLN A 220 8.73 -6.29 15.01
C GLN A 220 9.51 -5.05 15.50
N ARG A 221 10.68 -4.80 14.93
CA ARG A 221 11.49 -3.67 15.39
C ARG A 221 10.79 -2.34 15.10
N PHE A 222 10.08 -2.27 13.97
CA PHE A 222 9.28 -1.08 13.67
C PHE A 222 8.12 -0.94 14.66
N ALA A 223 7.37 -2.02 14.86
CA ALA A 223 6.26 -2.01 15.82
C ALA A 223 6.75 -1.53 17.19
N ASP A 224 7.96 -1.95 17.57
CA ASP A 224 8.53 -1.57 18.88
C ASP A 224 8.90 -0.08 18.99
N LEU A 225 8.92 0.62 17.85
CA LEU A 225 9.07 2.10 17.91
C LEU A 225 7.78 2.79 18.33
N GLY A 226 6.71 2.01 18.45
CA GLY A 226 5.40 2.52 18.83
C GLY A 226 4.55 2.94 17.65
N VAL A 227 4.62 2.17 16.56
CA VAL A 227 3.79 2.41 15.38
C VAL A 227 3.20 1.08 14.94
N ASP A 228 2.06 1.14 14.25
CA ASP A 228 1.49 -0.05 13.62
C ASP A 228 2.25 -0.34 12.34
N VAL A 229 2.19 -1.59 11.89
CA VAL A 229 2.81 -1.99 10.63
C VAL A 229 1.79 -2.69 9.74
N ARG A 230 1.99 -2.63 8.43
CA ARG A 230 1.05 -3.24 7.49
C ARG A 230 1.78 -3.68 6.24
N ILE A 231 1.37 -4.82 5.68
CA ILE A 231 1.82 -5.23 4.34
C ILE A 231 0.80 -4.62 3.37
N THR A 232 1.27 -3.73 2.51
CA THR A 232 0.36 -2.83 1.75
C THR A 232 0.12 -3.15 0.26
N GLU A 233 1.05 -3.82 -0.40
CA GLU A 233 0.93 -4.02 -1.86
C GLU A 233 1.45 -5.39 -2.28
N LEU A 234 1.11 -6.40 -1.50
CA LEU A 234 1.68 -7.73 -1.73
C LEU A 234 1.35 -8.29 -3.12
N ASP A 235 2.38 -8.69 -3.84
CA ASP A 235 2.25 -9.60 -4.99
C ASP A 235 3.59 -10.34 -5.12
N ILE A 236 3.58 -11.54 -5.69
CA ILE A 236 4.78 -12.37 -5.70
C ILE A 236 4.92 -12.90 -7.10
N ARG A 237 5.72 -12.20 -7.89
CA ARG A 237 5.75 -12.42 -9.35
C ARG A 237 6.71 -13.54 -9.75
N MET A 238 6.39 -14.16 -10.89
CA MET A 238 7.18 -15.27 -11.43
C MET A 238 7.38 -15.08 -12.93
N ARG A 239 8.31 -15.86 -13.50
CA ARG A 239 8.44 -15.99 -14.95
C ARG A 239 7.21 -16.73 -15.48
N THR A 240 6.52 -16.12 -16.46
CA THR A 240 5.31 -16.73 -17.03
C THR A 240 5.66 -17.66 -18.20
N PRO A 241 4.82 -18.66 -18.47
CA PRO A 241 3.60 -19.01 -17.78
C PRO A 241 3.91 -19.75 -16.49
N SER A 242 2.91 -19.81 -15.62
CA SER A 242 3.03 -20.54 -14.38
C SER A 242 3.11 -22.05 -14.65
N ASP A 243 3.61 -22.79 -13.68
CA ASP A 243 3.58 -24.24 -13.70
C ASP A 243 3.39 -24.71 -12.24
N ALA A 244 3.28 -26.01 -12.02
CA ALA A 244 3.01 -26.53 -10.69
C ALA A 244 4.08 -26.11 -9.68
N THR A 245 5.35 -26.21 -10.07
CA THR A 245 6.47 -25.86 -9.17
C THR A 245 6.39 -24.40 -8.72
N LYS A 246 6.24 -23.50 -9.69
CA LYS A 246 6.18 -22.05 -9.41
C LYS A 246 4.97 -21.69 -8.54
N LEU A 247 3.84 -22.32 -8.81
CA LEU A 247 2.63 -22.04 -8.06
C LEU A 247 2.74 -22.54 -6.62
N ALA A 248 3.39 -23.69 -6.42
CA ALA A 248 3.64 -24.22 -5.09
C ALA A 248 4.57 -23.30 -4.30
N THR A 249 5.66 -22.87 -4.94
CA THR A 249 6.61 -21.94 -4.27
C THR A 249 5.89 -20.64 -3.93
N GLN A 250 5.11 -20.12 -4.88
CA GLN A 250 4.35 -18.88 -4.67
C GLN A 250 3.42 -19.02 -3.47
N ALA A 251 2.73 -20.16 -3.36
CA ALA A 251 1.82 -20.43 -2.24
C ALA A 251 2.60 -20.37 -0.92
N ALA A 252 3.75 -21.04 -0.88
CA ALA A 252 4.58 -21.08 0.32
C ALA A 252 5.00 -19.66 0.69
N ASP A 253 5.29 -18.85 -0.32
CA ASP A 253 5.75 -17.46 -0.14
C ASP A 253 4.64 -16.58 0.43
N TYR A 254 3.43 -16.73 -0.11
CA TYR A 254 2.28 -16.03 0.45
C TYR A 254 2.11 -16.41 1.91
N LYS A 255 2.23 -17.70 2.21
CA LYS A 255 2.08 -18.16 3.59
C LYS A 255 3.14 -17.50 4.48
N LYS A 256 4.39 -17.46 4.02
CA LYS A 256 5.48 -16.84 4.80
C LYS A 256 5.14 -15.39 5.13
N VAL A 257 4.66 -14.65 4.14
CA VAL A 257 4.39 -13.21 4.35
C VAL A 257 3.24 -13.01 5.34
N VAL A 258 2.14 -13.77 5.17
CA VAL A 258 0.99 -13.60 6.06
C VAL A 258 1.36 -14.05 7.49
N GLN A 259 2.18 -15.10 7.61
CA GLN A 259 2.61 -15.55 8.94
C GLN A 259 3.47 -14.49 9.62
N ALA A 260 4.33 -13.81 8.84
CA ALA A 260 5.19 -12.77 9.42
C ALA A 260 4.30 -11.71 10.09
N CYS A 261 3.21 -11.33 9.41
CA CYS A 261 2.28 -10.37 9.95
C CYS A 261 1.55 -10.90 11.20
N MET A 262 1.07 -12.14 11.12
CA MET A 262 0.40 -12.80 12.24
C MET A 262 1.28 -12.86 13.49
N GLN A 263 2.59 -12.95 13.27
CA GLN A 263 3.55 -13.06 14.39
C GLN A 263 3.92 -11.71 15.04
N VAL A 264 3.39 -10.62 14.51
CA VAL A 264 3.66 -9.29 15.05
C VAL A 264 2.34 -8.68 15.48
N THR A 265 2.19 -8.44 16.78
CA THR A 265 0.87 -8.04 17.30
C THR A 265 0.33 -6.75 16.68
N ARG A 266 1.21 -5.83 16.31
CA ARG A 266 0.78 -4.55 15.72
C ARG A 266 0.76 -4.57 14.21
N CYS A 267 0.88 -5.76 13.61
CA CYS A 267 0.71 -5.87 12.17
C CYS A 267 -0.79 -5.91 11.85
N GLN A 268 -1.28 -4.85 11.22
CA GLN A 268 -2.72 -4.63 11.06
C GLN A 268 -3.31 -5.62 10.07
N GLY A 269 -2.46 -6.05 9.14
CA GLY A 269 -2.90 -7.02 8.14
C GLY A 269 -2.14 -6.90 6.83
N VAL A 270 -2.70 -7.52 5.81
CA VAL A 270 -2.06 -7.68 4.51
C VAL A 270 -3.02 -7.21 3.39
N THR A 271 -2.52 -6.36 2.50
CA THR A 271 -3.29 -5.93 1.34
C THR A 271 -2.55 -6.43 0.09
N VAL A 272 -3.24 -7.15 -0.79
CA VAL A 272 -2.66 -7.61 -2.07
C VAL A 272 -2.90 -6.60 -3.18
N TRP A 273 -1.94 -6.50 -4.07
CA TRP A 273 -1.99 -5.44 -5.08
C TRP A 273 -2.81 -5.85 -6.32
N GLY A 274 -4.10 -6.08 -6.05
CA GLY A 274 -5.04 -6.54 -7.06
C GLY A 274 -5.73 -7.84 -6.70
N ILE A 275 -6.66 -8.20 -7.58
CA ILE A 275 -7.43 -9.43 -7.40
C ILE A 275 -6.90 -10.48 -8.37
N THR A 276 -6.89 -10.15 -9.66
CA THR A 276 -6.64 -11.17 -10.70
C THR A 276 -5.42 -10.81 -11.55
N ASP A 277 -4.66 -11.85 -11.92
CA ASP A 277 -3.52 -11.73 -12.83
C ASP A 277 -3.94 -11.03 -14.12
N LYS A 278 -5.24 -11.09 -14.44
CA LYS A 278 -5.76 -10.47 -15.65
C LYS A 278 -5.42 -8.97 -15.71
N TYR A 279 -5.38 -8.32 -14.54
CA TYR A 279 -5.22 -6.87 -14.47
C TYR A 279 -3.94 -6.37 -13.76
N SER A 280 -3.13 -7.28 -13.25
CA SER A 280 -1.92 -6.91 -12.50
C SER A 280 -0.99 -5.97 -13.26
N TRP A 281 -0.43 -5.00 -12.53
CA TRP A 281 0.58 -4.09 -13.07
C TRP A 281 1.88 -4.78 -13.52
N VAL A 282 2.16 -5.97 -12.98
CA VAL A 282 3.48 -6.61 -13.17
C VAL A 282 3.95 -6.79 -14.64
N PRO A 283 3.15 -7.47 -15.50
CA PRO A 283 3.59 -7.75 -16.89
C PRO A 283 4.03 -6.52 -17.71
N ASP A 284 3.40 -5.37 -17.45
CA ASP A 284 3.75 -4.12 -18.13
C ASP A 284 5.10 -3.55 -17.71
N VAL A 285 5.53 -3.81 -16.48
CA VAL A 285 6.77 -3.25 -15.95
C VAL A 285 7.94 -4.24 -16.06
N PHE A 286 7.63 -5.52 -15.87
CA PHE A 286 8.60 -6.62 -15.91
C PHE A 286 8.27 -7.58 -17.07
N PRO A 287 8.83 -7.32 -18.28
CA PRO A 287 8.56 -8.21 -19.42
C PRO A 287 8.79 -9.69 -19.13
N GLY A 288 7.77 -10.51 -19.37
CA GLY A 288 7.88 -11.97 -19.18
C GLY A 288 7.65 -12.40 -17.74
N GLU A 289 7.34 -11.42 -16.89
CA GLU A 289 6.96 -11.73 -15.51
C GLU A 289 5.48 -11.45 -15.30
N GLY A 290 4.92 -12.07 -14.26
CA GLY A 290 3.51 -11.93 -14.00
C GLY A 290 2.99 -13.00 -13.07
N ALA A 291 1.75 -13.40 -13.28
CA ALA A 291 1.11 -14.41 -12.45
C ALA A 291 1.36 -14.19 -10.97
N ALA A 292 1.25 -12.95 -10.54
CA ALA A 292 1.74 -12.53 -9.24
C ALA A 292 0.68 -12.59 -8.14
N LEU A 293 -0.58 -12.74 -8.52
CA LEU A 293 -1.70 -12.55 -7.59
C LEU A 293 -2.41 -13.85 -7.15
N VAL A 294 -3.48 -13.73 -6.34
CA VAL A 294 -4.11 -14.90 -5.72
C VAL A 294 -5.10 -15.63 -6.66
N TRP A 295 -5.70 -14.87 -7.59
CA TRP A 295 -6.57 -15.40 -8.65
C TRP A 295 -5.91 -15.32 -10.02
N ASP A 296 -6.07 -16.35 -10.85
CA ASP A 296 -5.51 -16.30 -12.20
C ASP A 296 -6.35 -15.44 -13.15
N ALA A 297 -5.95 -15.38 -14.42
CA ALA A 297 -6.57 -14.50 -15.40
C ALA A 297 -8.00 -14.92 -15.79
N SER A 298 -8.41 -16.12 -15.39
CA SER A 298 -9.79 -16.59 -15.54
C SER A 298 -10.49 -16.68 -14.17
N TYR A 299 -9.98 -15.92 -13.19
CA TYR A 299 -10.56 -15.87 -11.83
C TYR A 299 -10.60 -17.19 -11.07
N ALA A 300 -9.70 -18.11 -11.38
CA ALA A 300 -9.61 -19.32 -10.59
C ALA A 300 -8.63 -19.08 -9.44
N LYS A 301 -9.02 -19.55 -8.25
CA LYS A 301 -8.16 -19.53 -7.07
C LYS A 301 -6.87 -20.28 -7.36
N LYS A 302 -5.73 -19.64 -7.11
CA LYS A 302 -4.46 -20.34 -7.25
C LYS A 302 -4.08 -21.00 -5.92
N PRO A 303 -3.01 -21.84 -5.89
CA PRO A 303 -2.66 -22.44 -4.58
C PRO A 303 -2.38 -21.43 -3.46
N ALA A 304 -1.96 -20.22 -3.86
CA ALA A 304 -1.75 -19.10 -2.94
C ALA A 304 -2.99 -18.86 -2.06
N TYR A 305 -4.18 -19.10 -2.62
CA TYR A 305 -5.43 -18.89 -1.85
C TYR A 305 -5.47 -19.72 -0.57
N ALA A 306 -5.31 -21.04 -0.68
CA ALA A 306 -5.26 -21.91 0.50
C ALA A 306 -4.16 -21.51 1.47
N ALA A 307 -3.02 -21.09 0.94
CA ALA A 307 -1.86 -20.72 1.76
C ALA A 307 -2.22 -19.50 2.61
N VAL A 308 -2.90 -18.53 2.02
CA VAL A 308 -3.32 -17.32 2.76
C VAL A 308 -4.33 -17.71 3.86
N MET A 309 -5.32 -18.51 3.49
N MET A 309 -5.32 -18.50 3.46
CA MET A 309 -6.32 -18.98 4.47
CA MET A 309 -6.32 -19.07 4.37
C MET A 309 -5.66 -19.74 5.63
C MET A 309 -5.66 -19.73 5.58
N GLU A 310 -4.71 -20.62 5.31
CA GLU A 310 -3.96 -21.33 6.36
C GLU A 310 -3.16 -20.38 7.27
N ALA A 311 -2.50 -19.40 6.65
CA ALA A 311 -1.65 -18.47 7.40
C ALA A 311 -2.46 -17.62 8.39
N PHE A 312 -3.68 -17.24 8.01
CA PHE A 312 -4.52 -16.44 8.92
C PHE A 312 -5.12 -17.28 10.05
N GLY A 313 -4.82 -18.58 10.01
N GLY A 313 -5.24 -18.58 9.77
CA GLY A 313 -5.14 -19.46 11.13
CA GLY A 313 -6.13 -19.43 10.56
C GLY A 313 -6.48 -20.12 10.90
C GLY A 313 -5.36 -20.00 11.72
N ALA A 314 -6.95 -20.00 9.67
N ALA A 314 -4.07 -19.67 11.74
CA ALA A 314 -8.19 -20.61 9.24
CA ALA A 314 -3.11 -20.31 12.63
C ALA A 314 -7.92 -22.06 8.83
C ALA A 314 -2.64 -19.36 13.72
#